data_8AQF
#
_entry.id   8AQF
#
_cell.length_a   91.625
_cell.length_b   127.568
_cell.length_c   60.358
_cell.angle_alpha   90.000
_cell.angle_beta   90.000
_cell.angle_gamma   90.000
#
_symmetry.space_group_name_H-M   'C 2 2 21'
#
loop_
_entity.id
_entity.type
_entity.pdbx_description
1 polymer 'Monoglyceride lipase'
2 non-polymer 1-[(~{R})-[2-chloranyl-4-[(2~{S},3~{S})-4-(3-chlorophenyl)-2,3-dimethyl-piperazin-1-yl]carbonyl-phenyl]sulfinyl]-3,3-bis(fluoranyl)pentan-2-one
3 water water
#
_entity_poly.entity_id   1
_entity_poly.type   'polypeptide(L)'
_entity_poly.pdbx_seq_one_letter_code
;MGSSHHHHHHSSGENLYFQGMPEESSPRRTPQSIPYQDLPHLVNADGQYLFCRYWAPTGTPKALIFVSHGAGEHSGRYEE
LARMLMGLDLLVFAHDHVGHGQSEGERMVVSDFHVFVRDVLQHVDSMQKDYPGLPVFLLGHSMGGAIAILTAAERPGHFA
GMVLISPLVLANPESATTFKVLAAKVLNSVLPNLSSGPIDSSVLSRNKTEVDIYNSDPLICRAGLKVCFGIQLLNAVSRV
ERALPKLTVPFLLLQGSADRLCDSKGAYLLMELAKSQDKTLKIYEGAYHVLHKELPEVTNSVFHEINMWVSQRTATAGTA
SPP
;
_entity_poly.pdbx_strand_id   A
#
# COMPACT_ATOMS: atom_id res chain seq x y z
N PRO A 27 9.96 20.43 -20.45
CA PRO A 27 8.77 19.57 -20.12
C PRO A 27 9.16 18.61 -18.99
N ARG A 28 8.39 18.60 -17.90
CA ARG A 28 8.65 17.74 -16.72
C ARG A 28 8.53 16.28 -17.17
N ARG A 29 9.43 15.46 -16.71
CA ARG A 29 9.59 14.05 -17.14
C ARG A 29 9.67 13.10 -15.94
N THR A 30 9.17 11.89 -16.13
CA THR A 30 9.30 10.78 -15.15
C THR A 30 10.79 10.45 -15.00
N PRO A 31 11.19 9.71 -13.95
CA PRO A 31 12.60 9.33 -13.78
C PRO A 31 13.08 8.47 -14.95
N GLN A 32 12.17 7.90 -15.75
CA GLN A 32 12.55 7.10 -16.92
C GLN A 32 12.55 8.00 -18.20
N SER A 33 12.39 9.34 -18.08
CA SER A 33 12.51 10.30 -19.22
CA SER A 33 12.47 10.42 -19.10
C SER A 33 11.18 10.54 -19.95
N ILE A 34 10.04 9.96 -19.50
CA ILE A 34 8.79 10.09 -20.30
C ILE A 34 8.14 11.41 -19.88
N PRO A 35 7.75 12.31 -20.79
CA PRO A 35 7.05 13.52 -20.36
C PRO A 35 5.76 13.20 -19.58
N TYR A 36 5.54 13.90 -18.48
CA TYR A 36 4.24 13.77 -17.75
C TYR A 36 3.07 14.16 -18.68
N GLN A 37 3.25 15.03 -19.66
CA GLN A 37 2.09 15.42 -20.54
C GLN A 37 1.59 14.20 -21.32
N ASP A 38 2.36 13.13 -21.46
CA ASP A 38 1.95 11.91 -22.19
C ASP A 38 1.19 10.94 -21.27
N LEU A 39 1.13 11.18 -19.94
CA LEU A 39 0.70 10.17 -18.95
C LEU A 39 -0.37 10.76 -18.06
N PRO A 40 -1.23 9.94 -17.44
CA PRO A 40 -2.10 10.46 -16.38
C PRO A 40 -1.23 10.90 -15.18
N HIS A 41 -1.51 12.05 -14.58
CA HIS A 41 -0.67 12.53 -13.46
C HIS A 41 -1.50 13.45 -12.56
N LEU A 42 -0.92 13.81 -11.45
CA LEU A 42 -1.42 14.89 -10.59
C LEU A 42 -0.20 15.61 -10.04
N VAL A 43 -0.37 16.80 -9.54
CA VAL A 43 0.75 17.50 -8.84
C VAL A 43 0.37 17.62 -7.41
N ASN A 44 1.25 17.17 -6.51
CA ASN A 44 0.90 17.12 -5.07
C ASN A 44 1.11 18.50 -4.44
N ALA A 45 0.93 18.60 -3.12
CA ALA A 45 1.02 19.90 -2.44
C ALA A 45 2.44 20.43 -2.42
N ASP A 46 3.47 19.61 -2.63
CA ASP A 46 4.88 20.06 -2.66
C ASP A 46 5.29 20.35 -4.11
N GLY A 47 4.37 20.37 -5.10
CA GLY A 47 4.70 20.62 -6.50
C GLY A 47 5.40 19.47 -7.19
N GLN A 48 5.27 18.27 -6.65
CA GLN A 48 5.84 17.05 -7.27
C GLN A 48 4.79 16.37 -8.14
N TYR A 49 5.20 15.95 -9.32
CA TYR A 49 4.30 15.18 -10.21
C TYR A 49 4.24 13.71 -9.75
N LEU A 50 3.03 13.18 -9.55
CA LEU A 50 2.78 11.77 -9.28
C LEU A 50 2.14 11.17 -10.53
N PHE A 51 2.66 10.02 -10.91
CA PHE A 51 2.10 9.21 -12.01
C PHE A 51 0.78 8.67 -11.50
N CYS A 52 -0.27 8.71 -12.31
CA CYS A 52 -1.57 8.07 -11.93
C CYS A 52 -1.94 6.91 -12.89
N ARG A 53 -2.79 6.05 -12.38
CA ARG A 53 -3.32 4.88 -13.11
C ARG A 53 -4.79 4.77 -12.80
N TYR A 54 -5.60 4.43 -13.79
CA TYR A 54 -7.07 4.35 -13.67
C TYR A 54 -7.58 3.12 -14.43
N TRP A 55 -8.58 2.44 -13.85
CA TRP A 55 -9.29 1.34 -14.51
C TRP A 55 -10.77 1.61 -14.25
N ALA A 56 -11.45 2.05 -15.29
CA ALA A 56 -12.80 2.61 -15.17
C ALA A 56 -13.71 1.65 -15.95
N PRO A 57 -14.86 1.27 -15.38
CA PRO A 57 -15.81 0.47 -16.12
C PRO A 57 -16.44 1.27 -17.26
N THR A 58 -17.20 0.60 -18.11
CA THR A 58 -17.84 1.30 -19.25
C THR A 58 -19.04 2.10 -18.73
N GLY A 59 -19.74 1.62 -17.70
CA GLY A 59 -20.93 2.30 -17.20
C GLY A 59 -20.68 3.14 -15.97
N THR A 60 -21.76 3.59 -15.33
CA THR A 60 -21.69 4.33 -14.06
C THR A 60 -21.02 3.41 -13.04
N PRO A 61 -19.92 3.79 -12.39
CA PRO A 61 -19.39 2.87 -11.39
C PRO A 61 -20.31 2.77 -10.16
N LYS A 62 -20.25 1.65 -9.47
CA LYS A 62 -20.97 1.44 -8.18
C LYS A 62 -20.22 2.07 -7.00
N ALA A 63 -18.91 2.19 -7.12
CA ALA A 63 -18.06 2.67 -6.02
C ALA A 63 -16.69 3.05 -6.60
N LEU A 64 -15.84 3.67 -5.78
CA LEU A 64 -14.47 4.05 -6.15
C LEU A 64 -13.56 3.24 -5.24
N ILE A 65 -12.38 2.86 -5.73
CA ILE A 65 -11.40 2.24 -4.85
C ILE A 65 -10.02 2.72 -5.22
N PHE A 66 -9.33 3.21 -4.22
CA PHE A 66 -7.91 3.62 -4.36
C PHE A 66 -7.01 2.46 -3.98
N VAL A 67 -6.03 2.17 -4.81
CA VAL A 67 -4.99 1.17 -4.57
C VAL A 67 -3.67 1.86 -4.15
N SER A 68 -3.20 1.47 -2.99
CA SER A 68 -2.04 2.00 -2.23
C SER A 68 -0.92 0.98 -2.21
N HIS A 69 0.11 1.22 -3.04
CA HIS A 69 1.22 0.25 -3.19
C HIS A 69 2.18 0.37 -2.00
N GLY A 70 3.07 -0.60 -1.97
CA GLY A 70 4.10 -0.70 -0.94
C GLY A 70 5.44 -0.11 -1.26
N ALA A 71 6.38 -0.26 -0.31
CA ALA A 71 7.68 0.37 -0.41
C ALA A 71 8.47 -0.22 -1.57
N GLY A 72 9.11 0.65 -2.31
CA GLY A 72 9.94 0.24 -3.44
C GLY A 72 9.17 -0.20 -4.68
N GLU A 73 7.87 -0.41 -4.61
CA GLU A 73 7.10 -0.88 -5.81
C GLU A 73 6.34 0.31 -6.38
N HIS A 74 5.27 0.01 -7.11
CA HIS A 74 4.54 1.00 -7.89
C HIS A 74 3.19 0.40 -8.24
N SER A 75 2.37 1.25 -8.82
CA SER A 75 0.95 1.00 -9.10
C SER A 75 0.77 -0.07 -10.17
N GLY A 76 1.68 -0.22 -11.11
CA GLY A 76 1.51 -1.19 -12.19
C GLY A 76 1.53 -2.61 -11.74
N ARG A 77 2.03 -2.90 -10.55
CA ARG A 77 1.97 -4.26 -9.98
C ARG A 77 0.56 -4.69 -9.61
N TYR A 78 -0.43 -3.82 -9.63
CA TYR A 78 -1.83 -4.15 -9.28
C TYR A 78 -2.73 -4.32 -10.50
N GLU A 79 -2.16 -4.44 -11.68
CA GLU A 79 -2.95 -4.54 -12.94
C GLU A 79 -4.03 -5.60 -12.78
N GLU A 80 -3.66 -6.83 -12.42
CA GLU A 80 -4.66 -7.93 -12.42
C GLU A 80 -5.70 -7.73 -11.33
N LEU A 81 -5.32 -7.38 -10.11
CA LEU A 81 -6.33 -7.06 -9.05
CA LEU A 81 -6.32 -7.08 -9.06
C LEU A 81 -7.24 -5.92 -9.51
N ALA A 82 -6.70 -4.87 -10.13
CA ALA A 82 -7.49 -3.70 -10.56
C ALA A 82 -8.49 -4.14 -11.62
N ARG A 83 -8.08 -4.98 -12.58
CA ARG A 83 -9.01 -5.41 -13.67
C ARG A 83 -10.12 -6.22 -13.07
N MET A 84 -9.83 -7.01 -12.04
CA MET A 84 -10.88 -7.78 -11.33
CA MET A 84 -10.89 -7.77 -11.36
C MET A 84 -11.88 -6.82 -10.66
N LEU A 85 -11.39 -5.82 -9.95
CA LEU A 85 -12.26 -4.82 -9.27
C LEU A 85 -13.05 -3.99 -10.29
N MET A 86 -12.42 -3.60 -11.38
CA MET A 86 -13.18 -2.90 -12.45
CA MET A 86 -13.16 -2.90 -12.49
C MET A 86 -14.31 -3.81 -12.98
N GLY A 87 -14.07 -5.11 -13.06
CA GLY A 87 -15.06 -6.11 -13.53
C GLY A 87 -16.27 -6.16 -12.61
N LEU A 88 -16.12 -5.72 -11.37
CA LEU A 88 -17.21 -5.60 -10.39
C LEU A 88 -17.88 -4.21 -10.50
N ASP A 89 -17.48 -3.43 -11.48
CA ASP A 89 -18.01 -2.07 -11.79
C ASP A 89 -17.59 -1.09 -10.73
N LEU A 90 -16.40 -1.31 -10.15
CA LEU A 90 -15.72 -0.22 -9.39
C LEU A 90 -14.83 0.59 -10.33
N LEU A 91 -14.68 1.87 -10.03
CA LEU A 91 -13.63 2.68 -10.68
C LEU A 91 -12.41 2.61 -9.78
N VAL A 92 -11.40 1.96 -10.28
CA VAL A 92 -10.14 1.74 -9.54
C VAL A 92 -9.20 2.87 -9.91
N PHE A 93 -8.42 3.41 -8.95
CA PHE A 93 -7.48 4.48 -9.27
C PHE A 93 -6.33 4.34 -8.31
N ALA A 94 -5.19 4.85 -8.74
CA ALA A 94 -3.92 4.73 -7.99
C ALA A 94 -2.98 5.82 -8.46
N HIS A 95 -1.97 6.04 -7.67
CA HIS A 95 -0.76 6.73 -8.12
C HIS A 95 0.43 6.07 -7.53
N ASP A 96 1.57 6.34 -8.14
CA ASP A 96 2.86 5.99 -7.56
C ASP A 96 3.17 6.98 -6.45
N HIS A 97 3.43 6.49 -5.26
CA HIS A 97 3.79 7.37 -4.13
C HIS A 97 5.04 8.18 -4.49
N VAL A 98 5.19 9.34 -3.88
CA VAL A 98 6.42 10.12 -4.06
CA VAL A 98 6.43 10.16 -3.96
C VAL A 98 7.65 9.24 -3.82
N GLY A 99 8.61 9.40 -4.72
CA GLY A 99 9.86 8.65 -4.61
C GLY A 99 9.76 7.25 -5.13
N HIS A 100 8.67 6.93 -5.80
CA HIS A 100 8.39 5.59 -6.30
C HIS A 100 8.01 5.60 -7.77
N GLY A 101 8.30 4.49 -8.45
CA GLY A 101 7.71 4.21 -9.77
C GLY A 101 8.01 5.39 -10.71
N GLN A 102 6.99 5.88 -11.37
CA GLN A 102 7.10 6.90 -12.41
C GLN A 102 6.84 8.28 -11.81
N SER A 103 6.71 8.37 -10.50
CA SER A 103 6.49 9.65 -9.78
C SER A 103 7.83 10.34 -9.53
N GLU A 104 7.77 11.65 -9.30
CA GLU A 104 8.97 12.42 -8.93
C GLU A 104 9.38 12.15 -7.47
N GLY A 105 10.55 12.67 -7.14
CA GLY A 105 11.14 12.69 -5.78
C GLY A 105 12.38 11.82 -5.73
N GLU A 106 13.32 12.13 -4.81
CA GLU A 106 14.46 11.24 -4.59
C GLU A 106 13.90 9.85 -4.28
N ARG A 107 14.53 8.81 -4.80
CA ARG A 107 14.02 7.43 -4.66
C ARG A 107 13.92 6.99 -3.20
N MET A 108 12.75 6.57 -2.78
CA MET A 108 12.50 5.84 -1.52
C MET A 108 13.03 6.71 -0.34
N VAL A 109 12.75 7.99 -0.38
N VAL A 109 12.66 7.99 -0.43
CA VAL A 109 12.78 8.80 0.85
CA VAL A 109 12.88 9.09 0.56
C VAL A 109 11.48 9.59 0.86
C VAL A 109 11.57 9.86 0.74
N VAL A 110 11.22 10.23 1.97
CA VAL A 110 10.03 11.07 2.15
C VAL A 110 10.32 12.01 3.31
N SER A 111 9.95 13.28 3.22
CA SER A 111 10.20 14.24 4.35
C SER A 111 9.53 13.73 5.65
N ASP A 112 8.33 13.19 5.55
CA ASP A 112 7.66 12.58 6.72
C ASP A 112 6.61 11.65 6.14
N PHE A 113 6.35 10.56 6.82
CA PHE A 113 5.44 9.51 6.30
C PHE A 113 4.09 10.09 5.95
N HIS A 114 3.62 11.14 6.63
CA HIS A 114 2.27 11.69 6.40
C HIS A 114 2.13 12.29 5.00
N VAL A 115 3.24 12.61 4.32
CA VAL A 115 3.19 13.04 2.90
C VAL A 115 2.40 11.99 2.12
N PHE A 116 2.66 10.71 2.35
CA PHE A 116 1.97 9.69 1.54
C PHE A 116 0.46 9.74 1.78
N VAL A 117 0.07 9.91 3.03
CA VAL A 117 -1.37 10.03 3.43
C VAL A 117 -2.05 11.23 2.79
N ARG A 118 -1.38 12.37 2.90
CA ARG A 118 -1.83 13.62 2.32
C ARG A 118 -2.08 13.45 0.83
N ASP A 119 -1.19 12.80 0.15
CA ASP A 119 -1.29 12.67 -1.33
C ASP A 119 -2.41 11.69 -1.67
N VAL A 120 -2.57 10.63 -0.92
CA VAL A 120 -3.76 9.76 -1.07
C VAL A 120 -5.03 10.60 -0.94
N LEU A 121 -5.13 11.39 0.10
CA LEU A 121 -6.35 12.21 0.34
C LEU A 121 -6.58 13.22 -0.79
N GLN A 122 -5.51 13.77 -1.38
CA GLN A 122 -5.68 14.69 -2.53
C GLN A 122 -6.37 13.91 -3.63
N HIS A 123 -5.85 12.74 -3.96
CA HIS A 123 -6.37 11.99 -5.11
C HIS A 123 -7.80 11.53 -4.80
N VAL A 124 -8.01 11.02 -3.58
CA VAL A 124 -9.38 10.63 -3.19
C VAL A 124 -10.34 11.84 -3.32
N ASP A 125 -9.97 13.00 -2.76
CA ASP A 125 -10.86 14.18 -2.85
C ASP A 125 -11.14 14.57 -4.32
N SER A 126 -10.17 14.47 -5.22
CA SER A 126 -10.32 14.80 -6.67
CA SER A 126 -10.37 14.83 -6.67
C SER A 126 -11.34 13.85 -7.30
N MET A 127 -11.24 12.58 -6.99
CA MET A 127 -12.13 11.56 -7.56
C MET A 127 -13.53 11.72 -6.97
N GLN A 128 -13.66 12.03 -5.68
CA GLN A 128 -15.02 12.20 -5.08
C GLN A 128 -15.73 13.40 -5.71
N LYS A 129 -14.97 14.49 -5.95
CA LYS A 129 -15.55 15.69 -6.58
C LYS A 129 -16.17 15.27 -7.92
N ASP A 130 -15.49 14.41 -8.68
CA ASP A 130 -15.93 13.98 -10.02
C ASP A 130 -17.05 12.94 -9.91
N TYR A 131 -17.14 12.18 -8.81
CA TYR A 131 -18.15 11.09 -8.64
C TYR A 131 -18.87 11.28 -7.32
N PRO A 132 -19.61 12.39 -7.12
CA PRO A 132 -20.15 12.66 -5.80
C PRO A 132 -21.15 11.56 -5.44
N GLY A 133 -21.20 11.24 -4.16
CA GLY A 133 -22.15 10.26 -3.61
C GLY A 133 -21.65 8.84 -3.70
N LEU A 134 -20.61 8.54 -4.48
CA LEU A 134 -20.21 7.12 -4.60
C LEU A 134 -19.39 6.79 -3.34
N PRO A 135 -19.59 5.57 -2.81
CA PRO A 135 -18.74 5.05 -1.73
C PRO A 135 -17.29 4.94 -2.23
N VAL A 136 -16.35 5.09 -1.31
CA VAL A 136 -14.92 4.96 -1.63
CA VAL A 136 -14.90 5.01 -1.58
C VAL A 136 -14.27 3.97 -0.69
N PHE A 137 -13.60 3.02 -1.30
CA PHE A 137 -12.82 1.98 -0.61
C PHE A 137 -11.33 2.30 -0.76
N LEU A 138 -10.53 1.68 0.09
CA LEU A 138 -9.07 1.63 0.02
C LEU A 138 -8.59 0.21 -0.09
N LEU A 139 -7.59 -0.04 -0.91
CA LEU A 139 -6.86 -1.32 -0.91
C LEU A 139 -5.38 -1.03 -0.74
N GLY A 140 -4.78 -1.60 0.28
CA GLY A 140 -3.36 -1.29 0.58
C GLY A 140 -2.57 -2.56 0.85
N HIS A 141 -1.33 -2.64 0.38
CA HIS A 141 -0.43 -3.74 0.67
C HIS A 141 0.81 -3.18 1.30
N SER A 142 1.29 -3.88 2.27
CA SER A 142 2.60 -3.60 2.87
C SER A 142 2.61 -2.17 3.42
N MET A 143 3.63 -1.38 3.06
CA MET A 143 3.65 0.04 3.48
C MET A 143 2.37 0.75 3.05
N GLY A 144 1.82 0.37 1.90
CA GLY A 144 0.55 0.94 1.40
C GLY A 144 -0.63 0.59 2.30
N GLY A 145 -0.53 -0.50 3.08
CA GLY A 145 -1.58 -0.84 4.05
C GLY A 145 -1.49 0.06 5.26
N ALA A 146 -0.28 0.37 5.68
CA ALA A 146 -0.09 1.38 6.76
C ALA A 146 -0.64 2.71 6.28
N ILE A 147 -0.34 3.11 5.05
CA ILE A 147 -0.92 4.35 4.45
C ILE A 147 -2.44 4.29 4.50
N ALA A 148 -3.06 3.21 4.07
CA ALA A 148 -4.52 3.06 4.07
C ALA A 148 -5.09 3.20 5.48
N ILE A 149 -4.52 2.49 6.43
CA ILE A 149 -4.99 2.59 7.83
C ILE A 149 -4.93 4.04 8.29
N LEU A 150 -3.79 4.74 8.06
CA LEU A 150 -3.64 6.11 8.57
C LEU A 150 -4.62 7.03 7.83
N THR A 151 -4.84 6.78 6.57
CA THR A 151 -5.81 7.59 5.77
C THR A 151 -7.22 7.43 6.36
N ALA A 152 -7.64 6.20 6.61
CA ALA A 152 -8.98 5.92 7.15
C ALA A 152 -9.09 6.45 8.56
N ALA A 153 -8.03 6.41 9.38
CA ALA A 153 -8.08 6.88 10.77
C ALA A 153 -8.07 8.41 10.82
N GLU A 154 -7.49 9.09 9.83
CA GLU A 154 -7.59 10.54 9.70
C GLU A 154 -9.01 11.01 9.33
N ARG A 155 -9.80 10.24 8.60
CA ARG A 155 -11.20 10.57 8.26
C ARG A 155 -12.17 9.51 8.71
N PRO A 156 -12.46 9.33 10.01
CA PRO A 156 -13.34 8.25 10.45
C PRO A 156 -14.72 8.48 9.86
N GLY A 157 -15.32 7.44 9.33
CA GLY A 157 -16.64 7.49 8.70
C GLY A 157 -16.59 7.74 7.24
N HIS A 158 -15.46 8.12 6.69
CA HIS A 158 -15.40 8.62 5.32
C HIS A 158 -15.36 7.43 4.33
N PHE A 159 -14.63 6.37 4.65
CA PHE A 159 -14.37 5.27 3.68
C PHE A 159 -15.41 4.17 3.94
N ALA A 160 -15.88 3.53 2.89
CA ALA A 160 -16.86 2.44 2.95
C ALA A 160 -16.18 1.14 3.40
N GLY A 161 -14.88 1.01 3.21
CA GLY A 161 -14.21 -0.25 3.48
C GLY A 161 -12.77 -0.22 3.06
N MET A 162 -12.00 -1.13 3.62
CA MET A 162 -10.56 -1.27 3.38
CA MET A 162 -10.55 -1.28 3.33
C MET A 162 -10.24 -2.75 3.15
N VAL A 163 -9.41 -3.04 2.14
CA VAL A 163 -8.85 -4.35 1.89
C VAL A 163 -7.39 -4.21 2.16
N LEU A 164 -6.89 -4.94 3.13
CA LEU A 164 -5.48 -4.89 3.51
C LEU A 164 -4.78 -6.22 3.21
N ILE A 165 -3.75 -6.23 2.40
CA ILE A 165 -2.92 -7.40 2.10
C ILE A 165 -1.57 -7.21 2.79
N SER A 166 -1.35 -7.96 3.84
CA SER A 166 -0.10 -7.93 4.64
CA SER A 166 -0.08 -7.92 4.62
C SER A 166 0.32 -6.47 4.88
N PRO A 167 -0.51 -5.69 5.59
CA PRO A 167 -0.17 -4.30 5.85
C PRO A 167 0.96 -4.25 6.87
N LEU A 168 1.74 -3.17 6.78
CA LEU A 168 2.75 -2.88 7.83
C LEU A 168 2.03 -2.46 9.10
N VAL A 169 2.01 -3.34 10.12
CA VAL A 169 1.46 -3.01 11.46
C VAL A 169 2.55 -3.27 12.48
N LEU A 170 3.16 -4.46 12.41
CA LEU A 170 4.34 -4.75 13.29
C LEU A 170 5.46 -5.24 12.39
N ALA A 171 6.65 -4.75 12.69
CA ALA A 171 7.91 -5.30 12.12
C ALA A 171 8.21 -6.67 12.71
N ASN A 172 8.97 -7.44 11.94
CA ASN A 172 9.62 -8.68 12.42
C ASN A 172 10.38 -8.34 13.69
N PRO A 173 10.05 -8.91 14.87
CA PRO A 173 10.65 -8.50 16.15
C PRO A 173 12.18 -8.59 16.17
N GLU A 174 12.77 -9.57 15.45
CA GLU A 174 14.25 -9.73 15.31
C GLU A 174 14.80 -8.49 14.59
N SER A 175 14.15 -8.08 13.51
CA SER A 175 14.58 -6.96 12.62
C SER A 175 14.61 -5.63 13.39
N ALA A 176 13.84 -5.49 14.45
CA ALA A 176 13.51 -4.18 15.03
C ALA A 176 13.61 -4.20 16.55
N THR A 177 14.66 -4.81 17.08
CA THR A 177 14.94 -4.84 18.55
C THR A 177 15.13 -3.41 19.04
N THR A 178 14.92 -3.14 20.34
CA THR A 178 15.18 -1.82 20.96
C THR A 178 16.60 -1.34 20.61
N PHE A 179 17.56 -2.26 20.53
CA PHE A 179 19.00 -1.91 20.39
C PHE A 179 19.29 -1.52 18.93
N LYS A 180 18.63 -2.17 17.96
CA LYS A 180 18.81 -1.90 16.52
C LYS A 180 18.14 -0.56 16.20
N VAL A 181 16.97 -0.30 16.78
CA VAL A 181 16.17 0.96 16.63
C VAL A 181 16.95 2.12 17.30
N LEU A 182 17.51 1.94 18.50
CA LEU A 182 18.27 3.05 19.15
C LEU A 182 19.63 3.45 18.40
N ALA A 183 20.38 2.43 18.00
CA ALA A 183 21.53 2.58 16.98
C ALA A 183 21.01 3.28 15.69
N ALA A 184 19.86 2.90 15.14
CA ALA A 184 19.35 3.46 13.86
C ALA A 184 18.91 4.96 13.99
N LYS A 185 18.33 5.34 15.15
CA LYS A 185 18.02 6.78 15.44
C LYS A 185 19.35 7.58 15.58
N VAL A 186 20.32 7.08 16.34
CA VAL A 186 21.67 7.73 16.50
C VAL A 186 22.31 7.91 15.10
N LEU A 187 22.20 6.82 14.29
CA LEU A 187 22.88 6.83 12.97
C LEU A 187 22.18 7.87 12.09
N ASN A 188 20.85 7.91 12.18
CA ASN A 188 20.03 8.79 11.31
C ASN A 188 20.30 10.26 11.69
N SER A 189 20.67 10.52 12.94
CA SER A 189 21.01 11.92 13.29
C SER A 189 22.33 12.36 12.61
N VAL A 190 23.18 11.43 12.07
CA VAL A 190 24.53 11.72 11.47
C VAL A 190 24.54 11.48 9.95
N LEU A 191 24.10 10.30 9.53
CA LEU A 191 24.18 9.81 8.14
C LEU A 191 22.81 9.31 7.71
N PRO A 192 21.83 10.21 7.58
CA PRO A 192 20.48 9.76 7.22
C PRO A 192 20.46 9.03 5.87
N ASN A 193 21.53 9.24 5.07
CA ASN A 193 21.57 8.64 3.71
C ASN A 193 22.27 7.28 3.65
N LEU A 194 22.91 6.84 4.74
CA LEU A 194 23.49 5.47 4.81
C LEU A 194 22.42 4.41 4.45
N SER A 195 22.82 3.43 3.63
CA SER A 195 21.95 2.33 3.14
C SER A 195 22.08 1.09 4.01
N SER A 196 20.99 0.38 4.23
CA SER A 196 21.00 -1.05 4.64
C SER A 196 21.37 -1.90 3.43
N GLY A 197 21.39 -3.21 3.58
CA GLY A 197 21.62 -4.08 2.42
C GLY A 197 20.45 -4.09 1.43
N PRO A 198 20.67 -4.53 0.16
CA PRO A 198 19.58 -4.86 -0.74
C PRO A 198 18.52 -5.75 -0.06
N ILE A 199 17.29 -5.68 -0.52
CA ILE A 199 16.20 -6.56 0.05
C ILE A 199 16.48 -8.01 -0.37
N ASP A 200 16.21 -8.98 0.50
CA ASP A 200 16.13 -10.39 0.06
C ASP A 200 14.76 -10.53 -0.62
N SER A 201 14.70 -10.42 -1.94
CA SER A 201 13.43 -10.54 -2.67
CA SER A 201 13.44 -10.57 -2.72
C SER A 201 12.86 -11.97 -2.49
N SER A 202 13.66 -12.94 -2.09
CA SER A 202 13.20 -14.35 -1.90
C SER A 202 12.19 -14.41 -0.76
N VAL A 203 12.10 -13.41 0.10
CA VAL A 203 11.10 -13.46 1.20
C VAL A 203 9.77 -12.96 0.69
N LEU A 204 9.72 -12.41 -0.51
CA LEU A 204 8.47 -11.75 -0.90
C LEU A 204 7.44 -12.82 -1.29
N SER A 205 7.85 -13.92 -1.88
CA SER A 205 6.91 -14.90 -2.40
C SER A 205 7.58 -16.24 -2.56
N ARG A 206 6.80 -17.29 -2.35
CA ARG A 206 7.26 -18.66 -2.63
C ARG A 206 7.28 -18.88 -4.15
N ASN A 207 6.55 -18.05 -4.89
CA ASN A 207 6.43 -18.21 -6.35
C ASN A 207 7.69 -17.65 -7.00
N LYS A 208 8.60 -18.51 -7.45
CA LYS A 208 9.91 -18.05 -7.95
C LYS A 208 9.76 -17.22 -9.21
N THR A 209 8.77 -17.46 -10.03
CA THR A 209 8.55 -16.64 -11.24
C THR A 209 8.17 -15.21 -10.83
N GLU A 210 7.37 -15.06 -9.79
CA GLU A 210 7.02 -13.73 -9.27
C GLU A 210 8.24 -13.06 -8.64
N VAL A 211 9.14 -13.79 -7.99
CA VAL A 211 10.38 -13.13 -7.49
C VAL A 211 11.22 -12.65 -8.69
N ASP A 212 11.32 -13.45 -9.75
CA ASP A 212 12.05 -13.06 -10.98
C ASP A 212 11.46 -11.81 -11.65
N ILE A 213 10.13 -11.73 -11.68
CA ILE A 213 9.37 -10.57 -12.25
C ILE A 213 9.69 -9.33 -11.44
N TYR A 214 9.64 -9.45 -10.12
CA TYR A 214 9.95 -8.31 -9.23
C TYR A 214 11.40 -7.86 -9.45
N ASN A 215 12.34 -8.79 -9.55
CA ASN A 215 13.78 -8.49 -9.65
C ASN A 215 14.11 -7.87 -11.02
N SER A 216 13.22 -7.96 -12.01
CA SER A 216 13.56 -7.40 -13.33
C SER A 216 12.65 -6.24 -13.74
N ASP A 217 11.82 -5.77 -12.82
CA ASP A 217 10.88 -4.66 -13.06
C ASP A 217 11.66 -3.36 -12.92
N PRO A 218 11.83 -2.56 -14.01
CA PRO A 218 12.66 -1.37 -13.93
C PRO A 218 12.07 -0.25 -13.03
N LEU A 219 10.80 -0.37 -12.65
CA LEU A 219 10.10 0.62 -11.79
C LEU A 219 10.22 0.24 -10.31
N ILE A 220 10.80 -0.90 -9.98
CA ILE A 220 10.96 -1.29 -8.55
C ILE A 220 12.32 -0.75 -8.09
N CYS A 221 12.37 -0.28 -6.88
CA CYS A 221 13.64 0.00 -6.16
C CYS A 221 13.93 -1.14 -5.19
N ARG A 222 15.02 -1.84 -5.46
CA ARG A 222 15.48 -3.02 -4.65
C ARG A 222 16.84 -2.72 -3.98
N ALA A 223 17.44 -1.55 -4.25
CA ALA A 223 18.60 -0.93 -3.54
C ALA A 223 18.40 -1.01 -2.02
N GLY A 224 19.45 -0.80 -1.28
CA GLY A 224 19.31 -0.71 0.19
C GLY A 224 18.29 0.34 0.58
N LEU A 225 17.55 0.12 1.65
CA LEU A 225 16.76 1.24 2.22
C LEU A 225 17.71 2.21 2.94
N LYS A 226 17.53 3.49 2.76
CA LYS A 226 18.25 4.51 3.55
C LYS A 226 17.74 4.48 4.99
N VAL A 227 18.61 4.73 5.96
CA VAL A 227 18.19 4.74 7.38
C VAL A 227 17.10 5.78 7.56
N CYS A 228 17.11 6.91 6.87
CA CYS A 228 16.05 7.93 7.09
C CYS A 228 14.69 7.34 6.65
N PHE A 229 14.64 6.48 5.65
CA PHE A 229 13.35 5.91 5.17
C PHE A 229 12.94 4.78 6.13
N GLY A 230 13.91 4.00 6.63
CA GLY A 230 13.63 3.02 7.68
C GLY A 230 13.04 3.66 8.96
N ILE A 231 13.54 4.84 9.29
CA ILE A 231 12.96 5.65 10.39
C ILE A 231 11.51 6.03 10.08
N GLN A 232 11.22 6.42 8.85
CA GLN A 232 9.82 6.76 8.47
C GLN A 232 8.95 5.50 8.57
N LEU A 233 9.44 4.31 8.28
CA LEU A 233 8.65 3.07 8.46
C LEU A 233 8.43 2.79 9.94
N LEU A 234 9.42 3.06 10.81
CA LEU A 234 9.18 2.90 12.27
C LEU A 234 8.13 3.93 12.73
N ASN A 235 8.17 5.13 12.16
CA ASN A 235 7.15 6.19 12.44
C ASN A 235 5.77 5.67 12.00
N ALA A 236 5.68 5.04 10.86
CA ALA A 236 4.40 4.48 10.39
C ALA A 236 3.90 3.45 11.41
N VAL A 237 4.74 2.53 11.85
CA VAL A 237 4.37 1.48 12.84
C VAL A 237 3.84 2.18 14.09
N SER A 238 4.53 3.19 14.59
CA SER A 238 4.13 3.94 15.82
CA SER A 238 4.13 3.90 15.83
C SER A 238 2.77 4.57 15.61
N ARG A 239 2.62 5.21 14.46
CA ARG A 239 1.38 5.97 14.14
C ARG A 239 0.25 5.00 13.92
N VAL A 240 0.51 3.84 13.33
CA VAL A 240 -0.60 2.87 13.12
C VAL A 240 -1.10 2.41 14.49
N GLU A 241 -0.19 2.12 15.41
CA GLU A 241 -0.60 1.63 16.73
C GLU A 241 -1.53 2.66 17.41
N ARG A 242 -1.17 3.94 17.40
CA ARG A 242 -1.99 5.01 18.01
C ARG A 242 -3.30 5.17 17.21
N ALA A 243 -3.33 4.87 15.93
CA ALA A 243 -4.53 5.04 15.10
C ALA A 243 -5.57 3.91 15.36
N LEU A 244 -5.15 2.72 15.74
CA LEU A 244 -6.06 1.52 15.71
C LEU A 244 -7.34 1.76 16.51
N PRO A 245 -7.28 2.36 17.72
CA PRO A 245 -8.52 2.65 18.45
C PRO A 245 -9.40 3.72 17.79
N LYS A 246 -8.93 4.39 16.74
CA LYS A 246 -9.80 5.35 15.99
C LYS A 246 -10.42 4.67 14.78
N LEU A 247 -9.91 3.49 14.47
CA LEU A 247 -10.25 2.88 13.20
C LEU A 247 -11.63 2.23 13.34
N THR A 248 -12.59 2.64 12.52
CA THR A 248 -13.95 2.10 12.63
C THR A 248 -14.34 1.52 11.28
N VAL A 249 -13.54 1.77 10.24
CA VAL A 249 -13.90 1.38 8.86
C VAL A 249 -13.96 -0.15 8.74
N PRO A 250 -14.95 -0.69 8.02
CA PRO A 250 -14.97 -2.11 7.64
C PRO A 250 -13.69 -2.55 6.96
N PHE A 251 -13.15 -3.73 7.31
CA PHE A 251 -11.98 -4.20 6.57
C PHE A 251 -11.92 -5.71 6.52
N LEU A 252 -11.20 -6.10 5.47
CA LEU A 252 -10.73 -7.46 5.19
C LEU A 252 -9.23 -7.48 5.27
N LEU A 253 -8.68 -8.35 6.12
CA LEU A 253 -7.25 -8.44 6.37
C LEU A 253 -6.74 -9.81 5.94
N LEU A 254 -5.78 -9.82 5.01
CA LEU A 254 -5.24 -11.06 4.49
C LEU A 254 -3.78 -11.09 4.88
N GLN A 255 -3.31 -12.17 5.45
CA GLN A 255 -1.94 -12.25 6.04
C GLN A 255 -1.36 -13.64 5.90
N GLY A 256 -0.11 -13.71 5.41
CA GLY A 256 0.63 -14.94 5.39
C GLY A 256 1.29 -15.24 6.73
N SER A 257 1.36 -16.51 7.12
CA SER A 257 1.97 -16.86 8.44
C SER A 257 3.50 -16.73 8.40
N ALA A 258 4.13 -16.78 7.23
CA ALA A 258 5.62 -16.86 7.13
C ALA A 258 6.14 -15.56 6.51
N ASP A 259 5.51 -14.46 6.85
CA ASP A 259 5.84 -13.11 6.36
C ASP A 259 7.00 -12.55 7.20
N ARG A 260 8.12 -12.38 6.56
CA ARG A 260 9.36 -11.86 7.18
C ARG A 260 9.38 -10.34 7.18
N LEU A 261 8.48 -9.62 6.50
CA LEU A 261 8.50 -8.15 6.51
C LEU A 261 7.45 -7.52 7.41
N CYS A 262 6.18 -7.86 7.20
CA CYS A 262 5.04 -7.46 8.03
C CYS A 262 4.64 -8.67 8.87
N ASP A 263 5.13 -8.70 10.10
CA ASP A 263 5.00 -9.87 10.99
C ASP A 263 3.51 -10.20 11.19
N SER A 264 3.15 -11.46 11.17
CA SER A 264 1.74 -11.90 11.33
C SER A 264 1.14 -11.42 12.66
N LYS A 265 1.97 -11.19 13.70
CA LYS A 265 1.49 -10.69 15.00
C LYS A 265 0.81 -9.33 14.82
N GLY A 266 1.28 -8.51 13.85
CA GLY A 266 0.63 -7.25 13.48
C GLY A 266 -0.80 -7.44 12.97
N ALA A 267 -1.08 -8.47 12.22
CA ALA A 267 -2.46 -8.74 11.76
C ALA A 267 -3.35 -9.04 12.98
N TYR A 268 -2.84 -9.81 13.96
CA TYR A 268 -3.64 -10.12 15.16
C TYR A 268 -3.90 -8.82 15.95
N LEU A 269 -2.87 -7.97 16.05
CA LEU A 269 -2.95 -6.69 16.79
C LEU A 269 -4.01 -5.80 16.16
N LEU A 270 -4.05 -5.71 14.84
CA LEU A 270 -5.06 -4.90 14.10
C LEU A 270 -6.44 -5.50 14.38
N MET A 271 -6.57 -6.81 14.37
CA MET A 271 -7.91 -7.42 14.70
C MET A 271 -8.32 -7.14 16.14
N GLU A 272 -7.35 -7.09 17.06
CA GLU A 272 -7.67 -6.89 18.49
C GLU A 272 -8.01 -5.42 18.74
N LEU A 273 -7.24 -4.47 18.19
CA LEU A 273 -7.30 -3.05 18.67
C LEU A 273 -8.20 -2.17 17.80
N ALA A 274 -8.43 -2.50 16.55
CA ALA A 274 -9.37 -1.72 15.72
C ALA A 274 -10.74 -1.71 16.39
N LYS A 275 -11.49 -0.62 16.34
CA LYS A 275 -12.88 -0.51 16.82
CA LYS A 275 -12.86 -0.66 16.87
C LYS A 275 -13.89 -1.00 15.78
N SER A 276 -13.49 -1.24 14.53
CA SER A 276 -14.42 -1.62 13.43
C SER A 276 -15.38 -2.73 13.84
N GLN A 277 -16.65 -2.51 13.61
CA GLN A 277 -17.69 -3.54 13.83
C GLN A 277 -17.59 -4.64 12.76
N ASP A 278 -16.97 -4.34 11.62
CA ASP A 278 -16.92 -5.31 10.49
C ASP A 278 -15.46 -5.58 10.16
N LYS A 279 -14.89 -6.62 10.78
CA LYS A 279 -13.48 -6.96 10.57
C LYS A 279 -13.31 -8.46 10.42
N THR A 280 -12.61 -8.82 9.38
CA THR A 280 -12.38 -10.22 9.00
C THR A 280 -10.91 -10.49 8.68
N LEU A 281 -10.33 -11.56 9.22
CA LEU A 281 -8.93 -11.98 8.96
C LEU A 281 -8.91 -13.33 8.31
N LYS A 282 -8.11 -13.49 7.27
CA LYS A 282 -7.79 -14.80 6.72
C LYS A 282 -6.28 -14.95 6.78
N ILE A 283 -5.82 -16.05 7.37
CA ILE A 283 -4.38 -16.40 7.46
C ILE A 283 -4.14 -17.43 6.36
N TYR A 284 -3.03 -17.26 5.66
CA TYR A 284 -2.52 -18.18 4.63
C TYR A 284 -1.31 -18.86 5.23
N GLU A 285 -1.52 -20.13 5.58
CA GLU A 285 -0.54 -20.94 6.29
C GLU A 285 0.68 -21.20 5.38
N GLY A 286 1.87 -20.76 5.80
CA GLY A 286 3.10 -21.00 5.04
C GLY A 286 3.39 -19.89 4.03
N ALA A 287 2.40 -19.04 3.73
CA ALA A 287 2.59 -17.98 2.71
C ALA A 287 3.54 -16.86 3.19
N TYR A 288 4.26 -16.32 2.20
CA TYR A 288 5.19 -15.21 2.37
C TYR A 288 4.42 -13.91 2.20
N HIS A 289 5.09 -12.83 1.85
CA HIS A 289 4.53 -11.48 2.03
C HIS A 289 3.53 -11.12 0.92
N VAL A 290 3.87 -11.33 -0.33
CA VAL A 290 3.09 -10.79 -1.48
C VAL A 290 2.02 -11.80 -1.85
N LEU A 291 0.92 -11.79 -1.08
CA LEU A 291 -0.11 -12.85 -1.17
C LEU A 291 -0.80 -12.82 -2.54
N HIS A 292 -0.90 -11.66 -3.16
CA HIS A 292 -1.51 -11.51 -4.51
C HIS A 292 -0.56 -11.86 -5.61
N LYS A 293 0.63 -12.32 -5.27
CA LYS A 293 1.62 -12.85 -6.26
C LYS A 293 2.37 -14.04 -5.62
N GLU A 294 1.60 -14.91 -4.98
CA GLU A 294 2.09 -16.08 -4.23
C GLU A 294 1.94 -17.32 -5.12
N LEU A 295 2.03 -18.48 -4.52
CA LEU A 295 1.70 -19.73 -5.21
C LEU A 295 0.29 -19.59 -5.75
N PRO A 296 -0.01 -20.17 -6.91
CA PRO A 296 -1.34 -20.00 -7.53
C PRO A 296 -2.55 -20.33 -6.66
N GLU A 297 -2.45 -21.29 -5.76
CA GLU A 297 -3.60 -21.57 -4.88
C GLU A 297 -3.84 -20.39 -3.92
N VAL A 298 -2.79 -19.80 -3.39
CA VAL A 298 -2.94 -18.62 -2.52
C VAL A 298 -3.48 -17.44 -3.35
N THR A 299 -2.86 -17.12 -4.47
CA THR A 299 -3.23 -15.96 -5.29
C THR A 299 -4.69 -16.11 -5.71
N ASN A 300 -5.09 -17.30 -6.11
CA ASN A 300 -6.49 -17.47 -6.58
C ASN A 300 -7.46 -17.28 -5.44
N SER A 301 -7.09 -17.68 -4.22
CA SER A 301 -7.95 -17.51 -3.02
C SER A 301 -8.01 -16.03 -2.70
N VAL A 302 -6.86 -15.35 -2.66
CA VAL A 302 -6.82 -13.90 -2.38
C VAL A 302 -7.74 -13.14 -3.31
N PHE A 303 -7.64 -13.37 -4.61
CA PHE A 303 -8.53 -12.68 -5.58
C PHE A 303 -9.99 -12.97 -5.25
N HIS A 304 -10.30 -14.26 -5.03
CA HIS A 304 -11.70 -14.68 -4.79
C HIS A 304 -12.22 -13.96 -3.54
N GLU A 305 -11.46 -13.97 -2.45
CA GLU A 305 -11.91 -13.39 -1.16
C GLU A 305 -12.13 -11.89 -1.32
N ILE A 306 -11.23 -11.20 -2.04
CA ILE A 306 -11.39 -9.74 -2.25
C ILE A 306 -12.68 -9.52 -3.07
N ASN A 307 -12.85 -10.28 -4.14
CA ASN A 307 -14.04 -10.19 -5.03
C ASN A 307 -15.32 -10.31 -4.20
N MET A 308 -15.45 -11.36 -3.38
CA MET A 308 -16.66 -11.60 -2.56
CA MET A 308 -16.66 -11.58 -2.57
C MET A 308 -16.86 -10.47 -1.53
N TRP A 309 -15.78 -10.03 -0.89
CA TRP A 309 -15.91 -9.04 0.21
C TRP A 309 -16.34 -7.71 -0.36
N VAL A 310 -15.72 -7.29 -1.46
CA VAL A 310 -16.12 -6.04 -2.14
C VAL A 310 -17.51 -6.21 -2.76
N SER A 311 -17.81 -7.30 -3.42
CA SER A 311 -19.16 -7.53 -4.00
C SER A 311 -20.24 -7.38 -2.91
N GLN A 312 -20.04 -7.99 -1.75
CA GLN A 312 -21.05 -7.97 -0.65
C GLN A 312 -21.29 -6.52 -0.24
N ARG A 313 -20.31 -5.66 -0.32
CA ARG A 313 -20.33 -4.32 0.28
C ARG A 313 -20.54 -3.23 -0.78
N THR A 314 -20.85 -3.64 -2.00
CA THR A 314 -21.23 -2.74 -3.12
C THR A 314 -22.52 -3.25 -3.79
N ALA A 315 -23.16 -4.25 -3.21
CA ALA A 315 -24.44 -4.81 -3.71
C ALA A 315 -25.60 -3.85 -3.36
#